data_6ZJE
#
_entry.id   6ZJE
#
_cell.length_a   42.716
_cell.length_b   62.639
_cell.length_c   50.162
_cell.angle_alpha   90.000
_cell.angle_beta   108.010
_cell.angle_gamma   90.000
#
_symmetry.space_group_name_H-M   'P 1 21 1'
#
loop_
_entity.id
_entity.type
_entity.pdbx_description
1 polymer 'GTP:AMP phosphotransferase AK3, mitochondrial'
2 non-polymer "BIS(ADENOSINE)-5'-PENTAPHOSPHATE"
3 non-polymer 'CHLORIDE ION'
4 non-polymer 'SODIUM ION'
5 non-polymer 'MAGNESIUM ION'
6 water water
#
_entity_poly.entity_id   1
_entity_poly.type   'polypeptide(L)'
_entity_poly.pdbx_seq_one_letter_code
;MGASARLLRAVIMGAPGSGKGTVSSRITTHFELKHLSSGDLLRDNMLRGTEIGVLAKAFIDQGKLIPDDVMTRLALHELK
NLTQYSWLLDGFPRTLPQAEALDRAYQIDTVINLNVPFEVIKQRLTARWIHPASGRVYNIEFNPPKTVGIDDLTGEPLIQ
REDDKPETVIKRLKAYEDQTKPVLEYYQKKGVLETFSGTETNKIWPYVYAFLQTKVPQRSQKASVTP
;
_entity_poly.pdbx_strand_id   A
#
loop_
_chem_comp.id
_chem_comp.type
_chem_comp.name
_chem_comp.formula
AP5 non-polymer BIS(ADENOSINE)-5'-PENTAPHOSPHATE 'C20 H29 N10 O22 P5'
CL non-polymer 'CHLORIDE ION' 'Cl -1'
MG non-polymer 'MAGNESIUM ION' 'Mg 2'
NA non-polymer 'SODIUM ION' 'Na 1'
#
# COMPACT_ATOMS: atom_id res chain seq x y z
N ARG A 6 -2.07 -26.63 3.34
CA ARG A 6 -2.28 -25.76 2.20
C ARG A 6 -1.65 -24.40 2.48
N LEU A 7 -0.58 -24.08 1.78
CA LEU A 7 0.11 -22.81 1.97
C LEU A 7 -0.75 -21.66 1.47
N LEU A 8 -0.71 -20.55 2.20
CA LEU A 8 -1.52 -19.39 1.84
C LEU A 8 -0.94 -18.71 0.60
N ARG A 9 -1.85 -18.33 -0.31
CA ARG A 9 -1.51 -17.53 -1.48
C ARG A 9 -2.51 -16.40 -1.26
N ALA A 10 -2.02 -15.21 -0.88
CA ALA A 10 -2.91 -14.10 -0.57
C ALA A 10 -2.36 -12.77 -1.08
N VAL A 11 -3.27 -11.83 -1.33
CA VAL A 11 -2.99 -10.46 -1.70
C VAL A 11 -3.73 -9.57 -0.73
N ILE A 12 -3.14 -8.43 -0.37
CA ILE A 12 -3.83 -7.38 0.37
C ILE A 12 -3.86 -6.11 -0.48
N MET A 13 -5.00 -5.42 -0.44
N MET A 13 -5.04 -5.47 -0.51
CA MET A 13 -5.25 -4.23 -1.23
CA MET A 13 -5.31 -4.26 -1.25
C MET A 13 -5.89 -3.17 -0.36
C MET A 13 -5.80 -3.16 -0.31
N GLY A 14 -5.64 -1.91 -0.74
CA GLY A 14 -6.08 -0.75 0.00
C GLY A 14 -5.42 0.53 -0.48
N ALA A 15 -6.19 1.62 -0.47
CA ALA A 15 -5.68 2.89 -0.96
C ALA A 15 -4.60 3.45 -0.03
N PRO A 16 -3.76 4.35 -0.54
CA PRO A 16 -2.84 5.07 0.34
C PRO A 16 -3.64 5.77 1.43
N GLY A 17 -3.16 5.67 2.65
CA GLY A 17 -3.83 6.21 3.82
C GLY A 17 -4.92 5.35 4.41
N SER A 18 -5.18 4.17 3.81
CA SER A 18 -6.25 3.29 4.31
C SER A 18 -5.86 2.53 5.57
N GLY A 19 -4.58 2.45 5.91
CA GLY A 19 -4.12 1.61 6.97
C GLY A 19 -3.55 0.28 6.52
N LYS A 20 -3.47 0.07 5.20
CA LYS A 20 -2.94 -1.18 4.65
C LYS A 20 -1.54 -1.46 5.16
N GLY A 21 -0.70 -0.42 5.28
CA GLY A 21 0.64 -0.64 5.78
C GLY A 21 0.66 -1.19 7.20
N THR A 22 -0.17 -0.64 8.08
CA THR A 22 -0.26 -1.12 9.44
C THR A 22 -0.84 -2.53 9.48
N VAL A 23 -1.89 -2.79 8.71
CA VAL A 23 -2.50 -4.13 8.71
C VAL A 23 -1.52 -5.18 8.21
N SER A 24 -0.78 -4.88 7.13
N SER A 24 -0.81 -4.89 7.11
CA SER A 24 0.23 -5.81 6.63
CA SER A 24 0.12 -5.87 6.55
C SER A 24 1.31 -6.09 7.68
C SER A 24 1.26 -6.16 7.51
N SER A 25 1.78 -5.03 8.38
N SER A 25 1.73 -5.13 8.24
CA SER A 25 2.78 -5.19 9.43
CA SER A 25 2.72 -5.33 9.29
C SER A 25 2.28 -6.09 10.54
C SER A 25 2.19 -6.27 10.37
N ARG A 26 0.98 -5.99 10.88
CA ARG A 26 0.42 -6.85 11.92
C ARG A 26 0.23 -8.29 11.43
N ILE A 27 -0.18 -8.48 10.18
CA ILE A 27 -0.32 -9.84 9.65
C ILE A 27 1.03 -10.54 9.72
N THR A 28 2.08 -9.82 9.35
CA THR A 28 3.41 -10.43 9.32
C THR A 28 3.92 -10.77 10.71
N THR A 29 3.62 -9.94 11.70
N THR A 29 3.60 -9.98 11.73
CA THR A 29 4.00 -10.23 13.08
CA THR A 29 4.07 -10.31 13.07
C THR A 29 3.28 -11.49 13.58
C THR A 29 3.20 -11.32 13.80
N HIS A 30 1.98 -11.58 13.33
CA HIS A 30 1.10 -12.54 14.00
C HIS A 30 1.02 -13.89 13.28
N PHE A 31 1.41 -13.98 12.00
CA PHE A 31 1.23 -15.20 11.23
C PHE A 31 2.54 -15.65 10.59
N GLU A 32 2.64 -16.96 10.38
CA GLU A 32 3.84 -17.55 9.80
C GLU A 32 3.74 -17.46 8.27
N LEU A 33 4.16 -16.34 7.72
CA LEU A 33 4.14 -16.16 6.27
C LEU A 33 5.23 -15.16 5.88
N LYS A 34 5.51 -15.09 4.58
CA LYS A 34 6.42 -14.10 4.01
C LYS A 34 5.62 -12.95 3.39
N HIS A 35 5.99 -11.74 3.78
CA HIS A 35 5.38 -10.50 3.29
C HIS A 35 6.19 -10.04 2.09
N LEU A 36 5.55 -9.98 0.90
CA LEU A 36 6.21 -9.51 -0.31
C LEU A 36 5.58 -8.19 -0.69
N SER A 37 6.30 -7.11 -0.40
CA SER A 37 5.87 -5.75 -0.70
C SER A 37 6.57 -5.32 -1.99
N SER A 38 5.78 -4.90 -2.99
CA SER A 38 6.37 -4.48 -4.26
C SER A 38 7.28 -3.28 -4.07
N GLY A 39 6.88 -2.33 -3.21
CA GLY A 39 7.73 -1.19 -2.96
C GLY A 39 9.04 -1.56 -2.31
N ASP A 40 8.99 -2.49 -1.33
CA ASP A 40 10.22 -2.93 -0.67
C ASP A 40 11.14 -3.65 -1.64
N LEU A 41 10.56 -4.45 -2.53
CA LEU A 41 11.35 -5.19 -3.51
C LEU A 41 12.00 -4.23 -4.51
N LEU A 42 11.24 -3.24 -4.96
CA LEU A 42 11.81 -2.24 -5.86
C LEU A 42 12.94 -1.46 -5.17
N ARG A 43 12.71 -1.04 -3.93
CA ARG A 43 13.72 -0.28 -3.21
C ARG A 43 14.99 -1.11 -2.94
N ASP A 44 14.84 -2.40 -2.67
CA ASP A 44 16.01 -3.26 -2.47
C ASP A 44 16.83 -3.34 -3.76
N ASN A 45 16.15 -3.48 -4.89
CA ASN A 45 16.85 -3.52 -6.17
C ASN A 45 17.51 -2.18 -6.51
N MET A 46 16.84 -1.06 -6.21
CA MET A 46 17.44 0.24 -6.49
C MET A 46 18.67 0.47 -5.62
N LEU A 47 18.59 0.10 -4.34
CA LEU A 47 19.71 0.24 -3.43
C LEU A 47 20.91 -0.58 -3.90
N ARG A 48 20.68 -1.80 -4.40
CA ARG A 48 21.76 -2.66 -4.85
C ARG A 48 22.22 -2.35 -6.28
N GLY A 49 21.50 -1.52 -7.02
CA GLY A 49 21.88 -1.21 -8.39
C GLY A 49 21.78 -2.37 -9.36
N THR A 50 20.82 -3.27 -9.16
CA THR A 50 20.63 -4.36 -10.10
C THR A 50 20.12 -3.80 -11.42
N GLU A 51 20.19 -4.63 -12.46
CA GLU A 51 19.71 -4.18 -13.77
C GLU A 51 18.27 -3.68 -13.69
N ILE A 52 17.39 -4.42 -13.02
N ILE A 52 17.42 -4.43 -13.02
CA ILE A 52 16.01 -3.96 -12.91
CA ILE A 52 16.03 -4.00 -12.87
C ILE A 52 15.87 -2.81 -11.89
C ILE A 52 15.94 -2.76 -11.97
N GLY A 53 16.78 -2.70 -10.94
CA GLY A 53 16.77 -1.55 -10.04
C GLY A 53 17.10 -0.24 -10.73
N VAL A 54 18.08 -0.26 -11.65
CA VAL A 54 18.42 0.97 -12.35
C VAL A 54 17.29 1.40 -13.27
N LEU A 55 16.63 0.44 -13.93
CA LEU A 55 15.47 0.74 -14.77
C LEU A 55 14.33 1.29 -13.92
N ALA A 56 14.03 0.62 -12.79
CA ALA A 56 12.99 1.10 -11.88
C ALA A 56 13.27 2.52 -11.42
N LYS A 57 14.53 2.83 -11.08
CA LYS A 57 14.82 4.18 -10.62
C LYS A 57 14.58 5.21 -11.73
N ALA A 58 14.80 4.85 -13.01
CA ALA A 58 14.53 5.81 -14.08
C ALA A 58 13.07 6.25 -14.07
N PHE A 59 12.15 5.32 -13.81
CA PHE A 59 10.72 5.67 -13.73
C PHE A 59 10.38 6.38 -12.43
N ILE A 60 10.82 5.82 -11.30
CA ILE A 60 10.43 6.36 -10.00
C ILE A 60 10.95 7.79 -9.82
N ASP A 61 12.17 8.08 -10.28
CA ASP A 61 12.72 9.42 -10.17
C ASP A 61 11.88 10.46 -10.92
N GLN A 62 11.09 10.03 -11.91
CA GLN A 62 10.24 10.92 -12.68
C GLN A 62 8.77 10.83 -12.26
N GLY A 63 8.46 10.18 -11.13
CA GLY A 63 7.09 10.06 -10.68
C GLY A 63 6.21 9.15 -11.53
N LYS A 64 6.78 8.12 -12.14
CA LYS A 64 6.06 7.21 -13.03
C LYS A 64 5.95 5.82 -12.43
N LEU A 65 4.85 5.13 -12.76
CA LEU A 65 4.73 3.72 -12.44
C LEU A 65 5.73 2.89 -13.24
N ILE A 66 6.19 1.80 -12.64
CA ILE A 66 6.96 0.80 -13.37
C ILE A 66 6.06 0.20 -14.45
N PRO A 67 6.52 0.07 -15.71
CA PRO A 67 5.68 -0.60 -16.71
C PRO A 67 5.24 -1.98 -16.23
N ASP A 68 4.01 -2.36 -16.59
CA ASP A 68 3.44 -3.64 -16.16
C ASP A 68 4.39 -4.81 -16.42
N ASP A 69 5.00 -4.88 -17.62
N ASP A 69 4.98 -4.88 -17.61
CA ASP A 69 5.81 -6.05 -17.94
CA ASP A 69 5.81 -6.03 -17.95
C ASP A 69 7.04 -6.15 -17.05
C ASP A 69 7.01 -6.14 -17.02
N VAL A 70 7.68 -5.01 -16.77
CA VAL A 70 8.85 -4.99 -15.89
C VAL A 70 8.46 -5.41 -14.49
N MET A 71 7.37 -4.85 -13.96
CA MET A 71 6.98 -5.14 -12.59
C MET A 71 6.60 -6.61 -12.41
N THR A 72 5.84 -7.14 -13.35
CA THR A 72 5.48 -8.56 -13.29
C THR A 72 6.72 -9.46 -13.32
N ARG A 73 7.71 -9.14 -14.17
N ARG A 73 7.66 -9.18 -14.23
CA ARG A 73 8.90 -9.97 -14.24
CA ARG A 73 8.93 -9.89 -14.26
C ARG A 73 9.69 -9.95 -12.92
C ARG A 73 9.55 -9.97 -12.87
N LEU A 74 9.72 -8.80 -12.24
CA LEU A 74 10.41 -8.72 -10.96
C LEU A 74 9.65 -9.46 -9.86
N ALA A 75 8.32 -9.29 -9.79
CA ALA A 75 7.55 -9.96 -8.75
C ALA A 75 7.58 -11.48 -8.90
N LEU A 76 7.39 -11.97 -10.13
CA LEU A 76 7.43 -13.41 -10.34
C LEU A 76 8.81 -14.00 -10.00
N HIS A 77 9.88 -13.26 -10.27
CA HIS A 77 11.21 -13.78 -9.95
C HIS A 77 11.38 -13.98 -8.44
N GLU A 78 10.87 -13.03 -7.64
CA GLU A 78 10.97 -13.17 -6.19
C GLU A 78 10.05 -14.27 -5.68
N LEU A 79 8.88 -14.44 -6.30
CA LEU A 79 7.94 -15.46 -5.85
C LEU A 79 8.50 -16.86 -6.05
N LYS A 80 9.40 -17.02 -7.00
CA LYS A 80 9.98 -18.32 -7.23
C LYS A 80 10.74 -18.78 -5.99
N ASN A 81 11.30 -17.83 -5.25
N ASN A 81 11.32 -17.84 -5.25
CA ASN A 81 12.09 -18.12 -4.06
CA ASN A 81 12.09 -18.18 -4.06
C ASN A 81 11.24 -18.30 -2.81
C ASN A 81 11.24 -18.21 -2.79
N LEU A 82 9.91 -18.13 -2.92
CA LEU A 82 9.01 -18.24 -1.79
C LEU A 82 8.04 -19.42 -1.89
N THR A 83 8.20 -20.32 -2.87
N THR A 83 8.18 -20.30 -2.88
CA THR A 83 7.17 -21.31 -3.16
CA THR A 83 7.12 -21.28 -3.13
C THR A 83 6.99 -22.37 -2.08
C THR A 83 6.91 -22.23 -1.95
N GLN A 84 7.95 -22.53 -1.18
CA GLN A 84 7.78 -23.40 -0.02
C GLN A 84 7.15 -22.69 1.18
N TYR A 85 6.79 -21.42 1.07
CA TYR A 85 6.21 -20.67 2.17
C TYR A 85 4.80 -20.18 1.83
N SER A 86 4.11 -19.77 2.88
CA SER A 86 2.83 -19.12 2.72
C SER A 86 3.22 -17.65 2.40
N TRP A 87 2.50 -16.90 1.63
N TRP A 87 2.49 -16.96 1.55
CA TRP A 87 2.85 -15.52 1.39
CA TRP A 87 2.86 -15.56 1.31
C TRP A 87 1.65 -14.58 1.37
C TRP A 87 1.70 -14.57 1.29
N LEU A 88 2.03 -13.33 1.49
CA LEU A 88 1.14 -12.19 1.33
C LEU A 88 1.71 -11.12 0.40
N LEU A 89 1.06 -10.90 -0.73
CA LEU A 89 1.48 -9.90 -1.71
C LEU A 89 0.86 -8.58 -1.29
N ASP A 90 1.64 -7.52 -1.36
CA ASP A 90 1.24 -6.20 -0.89
C ASP A 90 1.79 -5.16 -1.87
N GLY A 91 0.93 -4.52 -2.65
CA GLY A 91 1.35 -3.57 -3.66
C GLY A 91 1.42 -4.13 -5.07
N PHE A 92 1.32 -5.43 -5.22
CA PHE A 92 1.30 -6.11 -6.51
C PHE A 92 0.20 -7.16 -6.35
N PRO A 93 -0.73 -7.29 -7.33
CA PRO A 93 -0.87 -6.50 -8.55
C PRO A 93 -1.48 -5.11 -8.26
N ARG A 94 -1.04 -4.10 -9.01
CA ARG A 94 -1.58 -2.74 -8.92
C ARG A 94 -2.51 -2.40 -10.07
N THR A 95 -2.45 -3.16 -11.16
CA THR A 95 -3.21 -2.89 -12.37
C THR A 95 -3.79 -4.20 -12.87
N LEU A 96 -4.79 -4.09 -13.76
CA LEU A 96 -5.44 -5.29 -14.27
C LEU A 96 -4.46 -6.15 -15.04
N PRO A 97 -3.59 -5.62 -15.91
CA PRO A 97 -2.62 -6.51 -16.59
C PRO A 97 -1.71 -7.25 -15.63
N GLN A 98 -1.34 -6.62 -14.52
CA GLN A 98 -0.56 -7.33 -13.51
C GLN A 98 -1.35 -8.47 -12.87
N ALA A 99 -2.61 -8.23 -12.54
CA ALA A 99 -3.43 -9.28 -11.92
C ALA A 99 -3.66 -10.45 -12.88
N GLU A 100 -3.86 -10.15 -14.15
CA GLU A 100 -4.07 -11.19 -15.14
C GLU A 100 -2.82 -12.03 -15.34
N ALA A 101 -1.66 -11.38 -15.32
CA ALA A 101 -0.39 -12.10 -15.48
C ALA A 101 -0.10 -12.96 -14.25
N LEU A 102 -0.39 -12.44 -13.05
CA LEU A 102 -0.26 -13.26 -11.85
C LEU A 102 -1.17 -14.48 -11.90
N ASP A 103 -2.40 -14.31 -12.43
CA ASP A 103 -3.35 -15.42 -12.53
C ASP A 103 -2.84 -16.55 -13.41
N ARG A 104 -1.99 -16.24 -14.39
CA ARG A 104 -1.40 -17.25 -15.27
C ARG A 104 -0.19 -17.95 -14.64
N ALA A 105 0.24 -17.50 -13.46
CA ALA A 105 1.43 -18.02 -12.80
C ALA A 105 1.13 -18.77 -11.52
N TYR A 106 0.20 -18.26 -10.70
CA TYR A 106 -0.10 -18.83 -9.38
C TYR A 106 -1.59 -18.75 -9.13
N GLN A 107 -2.13 -19.79 -8.49
N GLN A 107 -2.10 -19.73 -8.39
CA GLN A 107 -3.49 -19.75 -7.99
CA GLN A 107 -3.51 -19.77 -7.98
C GLN A 107 -3.53 -18.87 -6.76
C GLN A 107 -3.68 -18.95 -6.70
N ILE A 108 -4.29 -17.77 -6.82
CA ILE A 108 -4.48 -16.86 -5.70
C ILE A 108 -5.79 -17.22 -5.03
N ASP A 109 -5.74 -17.59 -3.75
CA ASP A 109 -6.96 -18.07 -3.10
C ASP A 109 -7.67 -17.04 -2.22
N THR A 110 -6.99 -15.95 -1.84
CA THR A 110 -7.56 -14.98 -0.92
C THR A 110 -7.06 -13.59 -1.29
N VAL A 111 -7.99 -12.64 -1.42
CA VAL A 111 -7.67 -11.22 -1.59
C VAL A 111 -8.41 -10.41 -0.54
N ILE A 112 -7.67 -9.69 0.29
CA ILE A 112 -8.22 -8.85 1.34
C ILE A 112 -8.26 -7.41 0.82
N ASN A 113 -9.42 -6.74 0.91
CA ASN A 113 -9.50 -5.30 0.60
C ASN A 113 -9.95 -4.52 1.81
N LEU A 114 -9.26 -3.43 2.09
CA LEU A 114 -9.61 -2.51 3.17
C LEU A 114 -10.42 -1.38 2.56
N ASN A 115 -11.70 -1.31 2.92
CA ASN A 115 -12.60 -0.35 2.30
C ASN A 115 -12.83 0.81 3.28
N VAL A 116 -12.07 1.87 3.12
CA VAL A 116 -12.11 3.05 3.99
C VAL A 116 -12.61 4.22 3.16
N PRO A 117 -13.55 5.03 3.67
CA PRO A 117 -14.15 6.07 2.82
C PRO A 117 -13.12 7.07 2.30
N PHE A 118 -13.35 7.52 1.07
CA PHE A 118 -12.51 8.52 0.42
C PHE A 118 -12.27 9.75 1.32
N GLU A 119 -13.33 10.30 1.92
CA GLU A 119 -13.15 11.53 2.71
C GLU A 119 -12.25 11.28 3.93
N VAL A 120 -12.33 10.09 4.51
CA VAL A 120 -11.45 9.72 5.64
C VAL A 120 -9.99 9.66 5.21
N ILE A 121 -9.72 8.99 4.08
CA ILE A 121 -8.34 8.89 3.58
C ILE A 121 -7.82 10.27 3.19
N LYS A 122 -8.63 11.06 2.49
CA LYS A 122 -8.23 12.41 2.11
C LYS A 122 -7.82 13.26 3.31
N GLN A 123 -8.60 13.21 4.39
CA GLN A 123 -8.26 13.98 5.58
C GLN A 123 -6.95 13.49 6.19
N ARG A 124 -6.76 12.18 6.22
CA ARG A 124 -5.50 11.64 6.74
C ARG A 124 -4.31 12.15 5.95
N LEU A 125 -4.42 12.15 4.63
CA LEU A 125 -3.30 12.43 3.75
C LEU A 125 -3.01 13.91 3.62
N THR A 126 -3.94 14.77 4.05
CA THR A 126 -3.75 16.22 3.99
C THR A 126 -3.57 16.86 5.37
N ALA A 127 -3.30 16.06 6.40
CA ALA A 127 -3.28 16.56 7.77
C ALA A 127 -1.99 17.26 8.18
N ARG A 128 -0.88 17.06 7.45
CA ARG A 128 0.43 17.52 7.90
C ARG A 128 0.71 18.95 7.48
N TRP A 129 1.14 19.78 8.44
CA TRP A 129 1.57 21.15 8.23
C TRP A 129 2.94 21.33 8.89
N ILE A 130 3.77 22.20 8.31
CA ILE A 130 5.16 22.40 8.73
C ILE A 130 5.42 23.88 8.99
N HIS A 131 6.28 24.16 9.99
CA HIS A 131 6.90 25.46 10.15
C HIS A 131 8.26 25.42 9.46
N PRO A 132 8.43 26.06 8.31
CA PRO A 132 9.63 25.77 7.50
C PRO A 132 10.96 26.05 8.18
N ALA A 133 11.09 27.17 8.90
CA ALA A 133 12.42 27.51 9.41
C ALA A 133 12.92 26.51 10.45
N SER A 134 12.05 26.04 11.32
CA SER A 134 12.47 25.14 12.39
C SER A 134 12.31 23.68 12.03
N GLY A 135 11.48 23.36 11.03
CA GLY A 135 11.13 21.99 10.73
C GLY A 135 10.06 21.39 11.62
N ARG A 136 9.44 22.16 12.51
CA ARG A 136 8.42 21.60 13.38
C ARG A 136 7.23 21.13 12.57
N VAL A 137 6.71 19.97 12.95
CA VAL A 137 5.60 19.29 12.28
C VAL A 137 4.36 19.38 13.16
N TYR A 138 3.22 19.62 12.50
CA TYR A 138 1.91 19.61 13.12
C TYR A 138 1.00 18.72 12.29
N ASN A 139 0.10 18.01 12.96
CA ASN A 139 -0.89 17.19 12.30
C ASN A 139 -2.23 17.60 12.88
N ILE A 140 -3.13 18.07 12.01
CA ILE A 140 -4.34 18.70 12.55
C ILE A 140 -5.21 17.68 13.27
N GLU A 141 -5.07 16.37 12.99
CA GLU A 141 -5.77 15.33 13.74
C GLU A 141 -5.08 15.02 15.08
N PHE A 142 -3.77 14.89 15.10
CA PHE A 142 -3.05 14.31 16.25
C PHE A 142 -2.27 15.31 17.09
N ASN A 143 -1.70 16.38 16.52
N ASN A 143 -1.85 16.41 16.50
CA ASN A 143 -1.02 17.40 17.30
CA ASN A 143 -0.94 17.37 17.13
C ASN A 143 -1.20 18.75 16.62
C ASN A 143 -1.21 18.75 16.54
N PRO A 144 -2.40 19.30 16.70
CA PRO A 144 -2.69 20.58 16.07
C PRO A 144 -1.95 21.70 16.76
N PRO A 145 -1.71 22.81 16.04
CA PRO A 145 -1.11 23.98 16.67
C PRO A 145 -2.11 24.61 17.63
N LYS A 146 -1.59 25.46 18.51
CA LYS A 146 -2.47 26.10 19.49
C LYS A 146 -3.41 27.10 18.82
N THR A 147 -2.91 27.78 17.78
CA THR A 147 -3.69 28.67 16.94
C THR A 147 -3.66 28.12 15.51
N VAL A 148 -4.83 28.09 14.86
CA VAL A 148 -4.91 27.44 13.56
C VAL A 148 -3.94 28.11 12.60
N GLY A 149 -3.16 27.31 11.89
CA GLY A 149 -2.30 27.77 10.81
C GLY A 149 -1.05 28.51 11.23
N ILE A 150 -0.70 28.48 12.51
CA ILE A 150 0.34 29.31 13.10
C ILE A 150 1.27 28.45 13.96
N ASP A 151 2.57 28.73 13.88
CA ASP A 151 3.56 28.00 14.68
C ASP A 151 3.51 28.43 16.15
N ASP A 152 3.57 27.44 17.05
CA ASP A 152 3.43 27.67 18.50
C ASP A 152 4.55 28.53 19.09
N LEU A 153 5.77 28.45 18.57
CA LEU A 153 6.89 29.15 19.20
C LEU A 153 7.16 30.53 18.62
N THR A 154 6.81 30.76 17.35
CA THR A 154 7.14 31.99 16.65
C THR A 154 5.94 32.82 16.24
N GLY A 155 4.76 32.21 16.16
CA GLY A 155 3.62 32.90 15.58
C GLY A 155 3.63 33.05 14.09
N GLU A 156 4.64 32.46 13.41
CA GLU A 156 4.80 32.52 11.96
C GLU A 156 3.90 31.50 11.27
N PRO A 157 3.56 31.74 9.99
CA PRO A 157 2.67 30.83 9.27
C PRO A 157 3.23 29.44 9.09
N LEU A 158 2.33 28.46 9.11
CA LEU A 158 2.60 27.10 8.68
C LEU A 158 2.29 26.94 7.20
N ILE A 159 2.97 26.00 6.56
CA ILE A 159 2.74 25.68 5.15
C ILE A 159 2.52 24.18 5.02
N GLN A 160 2.10 23.78 3.82
N GLN A 160 1.98 23.78 3.86
CA GLN A 160 1.88 22.38 3.47
CA GLN A 160 1.94 22.37 3.50
C GLN A 160 2.79 22.01 2.30
C GLN A 160 2.94 22.11 2.39
N ARG A 161 3.59 20.95 2.48
CA ARG A 161 4.44 20.48 1.40
C ARG A 161 3.55 20.01 0.24
N GLU A 162 4.11 20.06 -0.98
CA GLU A 162 3.29 19.85 -2.16
C GLU A 162 2.58 18.50 -2.12
N ASP A 163 3.26 17.45 -1.64
CA ASP A 163 2.64 16.13 -1.67
C ASP A 163 1.47 16.01 -0.70
N ASP A 164 1.32 16.94 0.24
CA ASP A 164 0.27 16.88 1.25
C ASP A 164 -0.89 17.82 0.95
N LYS A 165 -0.80 18.62 -0.13
CA LYS A 165 -1.86 19.55 -0.45
C LYS A 165 -3.08 18.82 -1.02
N PRO A 166 -4.29 19.33 -0.74
CA PRO A 166 -5.50 18.63 -1.24
C PRO A 166 -5.52 18.38 -2.74
N GLU A 167 -5.09 19.35 -3.55
N GLU A 167 -5.07 19.34 -3.57
CA GLU A 167 -5.07 19.17 -4.99
CA GLU A 167 -5.11 19.11 -5.02
C GLU A 167 -4.25 17.95 -5.41
C GLU A 167 -4.26 17.91 -5.40
N THR A 168 -3.07 17.79 -4.80
CA THR A 168 -2.20 16.67 -5.12
C THR A 168 -2.78 15.35 -4.61
N VAL A 169 -3.37 15.35 -3.42
CA VAL A 169 -3.90 14.13 -2.85
C VAL A 169 -5.10 13.64 -3.64
N ILE A 170 -5.95 14.56 -4.09
CA ILE A 170 -7.10 14.16 -4.90
C ILE A 170 -6.66 13.48 -6.18
N LYS A 171 -5.63 14.01 -6.83
N LYS A 171 -5.60 14.06 -6.94
N LYS A 171 -5.58 14.04 -6.90
CA LYS A 171 -5.14 13.41 -8.06
CA LYS A 171 -5.12 13.40 -8.16
CA LYS A 171 -5.08 13.44 -8.14
C LYS A 171 -4.55 12.02 -7.78
C LYS A 171 -4.51 12.04 -7.87
C LYS A 171 -4.49 12.06 -7.85
N ARG A 172 -3.84 11.90 -6.65
CA ARG A 172 -3.26 10.61 -6.27
C ARG A 172 -4.34 9.57 -6.05
N LEU A 173 -5.40 9.94 -5.33
CA LEU A 173 -6.44 8.97 -5.02
C LEU A 173 -7.21 8.58 -6.27
N LYS A 174 -7.42 9.53 -7.19
CA LYS A 174 -8.17 9.20 -8.40
C LYS A 174 -7.36 8.26 -9.28
N ALA A 175 -6.05 8.47 -9.36
CA ALA A 175 -5.19 7.57 -10.13
C ALA A 175 -5.22 6.17 -9.53
N TYR A 176 -5.10 6.08 -8.19
N TYR A 176 -5.17 6.10 -8.20
CA TYR A 176 -5.17 4.77 -7.52
CA TYR A 176 -5.16 4.81 -7.53
C TYR A 176 -6.47 4.07 -7.86
C TYR A 176 -6.47 4.06 -7.72
N GLU A 177 -7.59 4.79 -7.74
CA GLU A 177 -8.88 4.16 -8.01
C GLU A 177 -8.97 3.69 -9.46
N ASP A 178 -8.51 4.51 -10.42
CA ASP A 178 -8.57 4.13 -11.83
C ASP A 178 -7.76 2.86 -12.07
N GLN A 179 -6.61 2.73 -11.39
CA GLN A 179 -5.74 1.56 -11.57
C GLN A 179 -6.32 0.31 -10.90
N THR A 180 -6.83 0.44 -9.68
CA THR A 180 -7.12 -0.73 -8.85
C THR A 180 -8.59 -1.14 -8.79
N LYS A 181 -9.55 -0.25 -9.06
CA LYS A 181 -10.95 -0.70 -9.09
C LYS A 181 -11.14 -1.87 -10.05
N PRO A 182 -10.58 -1.84 -11.26
CA PRO A 182 -10.68 -3.02 -12.14
C PRO A 182 -10.08 -4.29 -11.55
N VAL A 183 -9.03 -4.16 -10.74
CA VAL A 183 -8.43 -5.32 -10.09
C VAL A 183 -9.38 -5.89 -9.02
N LEU A 184 -10.00 -5.01 -8.23
CA LEU A 184 -10.96 -5.45 -7.22
C LEU A 184 -12.15 -6.16 -7.87
N GLU A 185 -12.65 -5.62 -8.99
CA GLU A 185 -13.78 -6.26 -9.69
C GLU A 185 -13.37 -7.60 -10.28
N TYR A 186 -12.14 -7.70 -10.76
CA TYR A 186 -11.62 -8.97 -11.28
C TYR A 186 -11.61 -10.04 -10.18
N TYR A 187 -11.11 -9.70 -8.99
CA TYR A 187 -11.07 -10.68 -7.92
C TYR A 187 -12.46 -10.98 -7.35
N GLN A 188 -13.37 -10.00 -7.36
CA GLN A 188 -14.73 -10.29 -6.94
C GLN A 188 -15.38 -11.30 -7.87
N LYS A 189 -15.14 -11.18 -9.17
CA LYS A 189 -15.68 -12.13 -10.14
C LYS A 189 -15.12 -13.53 -9.90
N LYS A 190 -13.85 -13.61 -9.49
CA LYS A 190 -13.22 -14.90 -9.20
C LYS A 190 -13.69 -15.52 -7.89
N GLY A 191 -14.42 -14.76 -7.06
CA GLY A 191 -14.95 -15.31 -5.84
C GLY A 191 -13.99 -15.31 -4.68
N VAL A 192 -12.88 -14.57 -4.76
CA VAL A 192 -11.83 -14.65 -3.75
C VAL A 192 -11.69 -13.39 -2.92
N LEU A 193 -12.47 -12.35 -3.20
CA LEU A 193 -12.36 -11.07 -2.48
C LEU A 193 -13.11 -11.08 -1.16
N GLU A 194 -12.40 -10.73 -0.08
CA GLU A 194 -12.97 -10.47 1.23
C GLU A 194 -12.76 -9.00 1.59
N THR A 195 -13.87 -8.29 1.85
CA THR A 195 -13.83 -6.86 2.10
C THR A 195 -14.04 -6.57 3.58
N PHE A 196 -13.21 -5.68 4.13
CA PHE A 196 -13.33 -5.17 5.49
C PHE A 196 -13.53 -3.67 5.44
N SER A 197 -14.68 -3.20 5.94
CA SER A 197 -15.05 -1.80 5.88
C SER A 197 -14.97 -1.15 7.26
N GLY A 198 -14.46 0.08 7.29
CA GLY A 198 -14.41 0.83 8.53
C GLY A 198 -13.68 2.14 8.33
N THR A 199 -13.58 2.88 9.44
CA THR A 199 -12.92 4.18 9.43
C THR A 199 -11.73 4.27 10.38
N GLU A 200 -11.47 3.24 11.18
CA GLU A 200 -10.37 3.22 12.13
C GLU A 200 -9.61 1.90 12.01
N THR A 201 -8.29 1.97 11.84
CA THR A 201 -7.50 0.76 11.63
C THR A 201 -7.68 -0.22 12.79
N ASN A 202 -7.72 0.28 14.02
CA ASN A 202 -7.78 -0.63 15.16
C ASN A 202 -9.13 -1.31 15.28
N LYS A 203 -10.18 -0.76 14.65
CA LYS A 203 -11.48 -1.40 14.61
C LYS A 203 -11.60 -2.44 13.50
N ILE A 204 -10.79 -2.30 12.44
CA ILE A 204 -10.78 -3.21 11.30
C ILE A 204 -9.91 -4.43 11.58
N TRP A 205 -8.75 -4.21 12.19
CA TRP A 205 -7.77 -5.26 12.43
C TRP A 205 -8.33 -6.53 13.06
N PRO A 206 -9.17 -6.47 14.13
CA PRO A 206 -9.60 -7.74 14.74
C PRO A 206 -10.30 -8.66 13.76
N TYR A 207 -11.07 -8.09 12.83
CA TYR A 207 -11.79 -8.90 11.85
C TYR A 207 -10.85 -9.51 10.82
N VAL A 208 -9.84 -8.77 10.37
CA VAL A 208 -8.84 -9.35 9.47
C VAL A 208 -8.10 -10.48 10.16
N TYR A 209 -7.73 -10.25 11.43
CA TYR A 209 -7.01 -11.25 12.21
C TYR A 209 -7.85 -12.54 12.32
N ALA A 210 -9.13 -12.40 12.66
CA ALA A 210 -9.99 -13.58 12.83
C ALA A 210 -10.18 -14.32 11.49
N PHE A 211 -10.28 -13.58 10.39
CA PHE A 211 -10.43 -14.19 9.07
C PHE A 211 -9.19 -15.00 8.70
N LEU A 212 -8.00 -14.47 8.97
CA LEU A 212 -6.79 -15.19 8.60
C LEU A 212 -6.51 -16.38 9.52
N GLN A 213 -7.05 -16.37 10.74
CA GLN A 213 -6.80 -17.48 11.67
C GLN A 213 -7.32 -18.80 11.09
N THR A 214 -8.31 -18.74 10.20
CA THR A 214 -8.87 -19.91 9.56
C THR A 214 -8.05 -20.38 8.37
N LYS A 215 -6.94 -19.72 8.03
CA LYS A 215 -6.27 -19.89 6.75
C LYS A 215 -4.77 -20.15 6.82
N VAL A 216 -4.08 -19.71 7.86
CA VAL A 216 -2.62 -19.82 7.94
C VAL A 216 -2.24 -19.89 9.43
N PRO A 217 -1.23 -20.69 9.79
CA PRO A 217 -0.86 -20.81 11.21
C PRO A 217 -0.33 -19.51 11.80
N GLN A 218 -0.64 -19.29 13.09
CA GLN A 218 -0.06 -18.17 13.82
C GLN A 218 1.38 -18.51 14.17
N ARG A 219 2.21 -17.50 14.35
CA ARG A 219 3.60 -17.75 14.76
C ARG A 219 3.67 -18.43 16.12
PA AP5 B . 0.47 5.46 3.31
PA AP5 B . 0.36 5.38 3.38
O1A AP5 B . 1.54 6.10 2.46
O1A AP5 B . -0.61 4.55 2.56
O2A AP5 B . -0.47 4.66 2.42
O2A AP5 B . 0.76 4.62 4.62
O3A AP5 B . 1.17 4.45 4.42
O3A AP5 B . 1.71 5.70 2.47
PB AP5 B . 2.37 3.33 4.30
PB AP5 B . 2.36 4.94 1.15
O1B AP5 B . 2.45 2.53 5.58
O1B AP5 B . 1.26 4.34 0.32
O2B AP5 B . 3.69 4.03 4.06
O2B AP5 B . 3.29 3.84 1.62
O3B AP5 B . 2.04 2.32 3.04
O3B AP5 B . 3.21 6.03 0.25
PG AP5 B . 2.95 1.17 2.27
PG AP5 B . 4.16 5.84 -1.09
O1G AP5 B . 4.10 0.76 3.16
O1G AP5 B . 3.68 6.76 -2.17
O2G AP5 B . 2.09 -0.03 1.98
O2G AP5 B . 5.59 6.16 -0.74
O3G AP5 B . 3.54 1.78 0.85
O3G AP5 B . 4.06 4.27 -1.60
PD AP5 B . 5.07 1.96 0.28
PD AP5 B . 3.01 3.47 -2.57
O1D AP5 B . 5.68 0.60 0.03
O1D AP5 B . 1.83 2.99 -1.77
O2D AP5 B . 5.89 2.70 1.31
O2D AP5 B . 2.54 4.39 -3.67
O3D AP5 B . 5.05 2.83 -1.11
O3D AP5 B . 3.80 2.18 -3.22
PE AP5 B . 4.85 2.42 -2.70
PE AP5 B . 5.35 1.66 -3.05
O1E AP5 B . 4.91 0.91 -2.84
O1E AP5 B . 5.72 1.64 -1.60
O2E AP5 B . 3.50 2.92 -3.18
O2E AP5 B . 5.48 0.27 -3.63
O5F AP5 B . -0.38 6.62 4.09
O5F AP5 B . -0.36 6.80 3.81
C5F AP5 B . 0.31 7.68 4.71
C5F AP5 B . 0.38 7.73 4.56
C4F AP5 B . -0.72 8.63 5.38
C4F AP5 B . -0.58 8.65 5.35
O4F AP5 B . -1.82 7.88 5.94
O4F AP5 B . -1.69 7.88 5.88
C3F AP5 B . -0.11 9.30 6.62
C3F AP5 B . 0.09 9.16 6.63
O3F AP5 B . -0.47 10.68 6.67
O3F AP5 B . -0.08 10.58 6.75
C2F AP5 B . -0.75 8.52 7.79
C2F AP5 B . -0.65 8.41 7.75
O2F AP5 B . -0.97 9.38 8.91
O2F AP5 B . -0.78 9.24 8.91
C1F AP5 B . -1.90 8.05 7.35
C1F AP5 B . -1.85 8.15 7.26
N9A AP5 B . -2.16 6.77 7.96
N9A AP5 B . -2.40 7.00 7.92
C8A AP5 B . -1.51 5.63 7.60
C8A AP5 B . -2.20 5.72 7.48
N7A AP5 B . -1.97 4.62 8.34
N7A AP5 B . -2.84 4.88 8.30
C5A AP5 B . -2.91 5.09 9.17
C5A AP5 B . -3.46 5.59 9.25
C6A AP5 B . -3.69 4.49 10.13
C6A AP5 B . -4.24 5.24 10.34
N6A AP5 B . -3.63 3.18 10.42
N6A AP5 B . -4.55 3.96 10.62
N1A AP5 B . -4.56 5.22 10.81
N1A AP5 B . -4.72 6.18 11.13
C2A AP5 B . -4.64 6.54 10.54
C2A AP5 B . -4.42 7.47 10.85
N3A AP5 B . -3.92 7.20 9.63
N3A AP5 B . -3.68 7.89 9.84
C4A AP5 B . -3.04 6.47 8.93
C4A AP5 B . -3.18 6.95 9.02
O5J AP5 B . 6.04 3.10 -3.60
O5J AP5 B . 6.35 2.69 -3.86
C5J AP5 B . 6.68 2.30 -4.56
C5J AP5 B . 7.13 2.17 -4.90
C4J AP5 B . 6.71 3.06 -5.91
C4J AP5 B . 6.91 3.03 -6.18
O4J AP5 B . 7.11 2.17 -6.98
O4J AP5 B . 7.13 2.24 -7.37
C3J AP5 B . 5.29 3.46 -6.33
C3J AP5 B . 5.43 3.43 -6.31
O3J AP5 B . 5.11 4.88 -6.19
O3J AP5 B . 5.26 4.82 -6.05
C2J AP5 B . 5.24 3.04 -7.82
C2J AP5 B . 5.13 3.11 -7.80
O2J AP5 B . 5.69 4.13 -8.65
O2J AP5 B . 5.42 4.26 -8.62
C1J AP5 B . 6.06 2.03 -7.94
C1J AP5 B . 5.94 2.13 -8.12
N9B AP5 B . 5.36 0.79 -7.75
N9B AP5 B . 5.29 0.85 -7.87
C8B AP5 B . 5.17 0.05 -6.61
C8B AP5 B . 5.17 0.16 -6.71
N7B AP5 B . 4.45 -1.05 -6.90
N7B AP5 B . 4.50 -0.98 -6.93
C5B AP5 B . 4.18 -1.03 -8.20
C5B AP5 B . 4.17 -1.02 -8.23
C6B AP5 B . 3.47 -1.88 -9.03
C6B AP5 B . 3.49 -1.93 -9.01
N6B AP5 B . 2.91 -3.01 -8.56
N6B AP5 B . 2.99 -3.06 -8.49
N1B AP5 B . 3.36 -1.61 -10.32
N1B AP5 B . 3.33 -1.70 -10.30
C2B AP5 B . 3.92 -0.50 -10.77
C2B AP5 B . 3.82 -0.59 -10.81
N3B AP5 B . 4.59 0.38 -10.05
N3B AP5 B . 4.49 0.34 -10.14
C4B AP5 B . 4.74 0.12 -8.74
C4B AP5 B . 4.68 0.14 -8.83
CL CL C . -1.83 3.00 4.62
CL CL D . 2.06 13.90 10.30
NA NA E . 1.92 19.88 20.54
MG MG F . 4.94 -1.22 4.35
#